data_8DP2
#
_entry.id   8DP2
#
_cell.length_a   95.460
_cell.length_b   95.460
_cell.length_c   99.550
_cell.angle_alpha   90.000
_cell.angle_beta   90.000
_cell.angle_gamma   120.000
#
_symmetry.space_group_name_H-M   'P 61'
#
loop_
_entity.id
_entity.type
_entity.pdbx_description
1 polymer 'UDP-N-acetylmuramoylalanine--D-glutamate ligase'
2 non-polymer "URIDINE-5'-DIPHOSPHATE-N-ACETYLMURAMOYL-L-ALANINE"
3 non-polymer 'MAGNESIUM ION'
4 non-polymer GLYCEROL
5 non-polymer 'PHOSPHATE ION'
6 non-polymer 3,6,9,12,15,18,21-HEPTAOXATRICOSANE-1,23-DIOL
7 non-polymer 'SUCCINIC ACID'
8 non-polymer 'ACETATE ION'
9 water water
#
_entity_poly.entity_id   1
_entity_poly.type   'polypeptide(L)'
_entity_poly.pdbx_seq_one_letter_code
;MAHHHHHMFRIVVGLGKSGMSLVRYLARRGLPFAVVDTRENPPELATLRAQYPQVEVRCGELDAEFLCSARELYVSPGLS
LRTPALVQAAAKGVRISGDIDLFAREAKAPIVAITGSNAKSTVTTLVGEMAVAADKRVAVGGNLGTPALDLLADDIELYV
LELSSFQLETCDRLNAEVATVLNVSEDHMDRYDGMADYHLA(KCX)HRIFRGARQVVVNRADALTRPLIADTVPCWSFGL
NKPDFKAFGLIEEDGQKWLAFQFDKLLPVGELKIRGAHNYSNALAALALGHAVGLPFDAMLGALKAFSGLAHRCQWVRER
QGVSYYDDSKATNVGAALAAIEGLGADIDGKLVLLAGGDGKGADFHDLREPVARFCRAVVLLGRDAGLIAQALGNAVPLV
RVATLDEAVRQAAELAREGDAVLLSPACASLDMFKNFEERGRLFAKAVEELA
;
_entity_poly.pdbx_strand_id   A
#
loop_
_chem_comp.id
_chem_comp.type
_chem_comp.name
_chem_comp.formula
ACT non-polymer 'ACETATE ION' 'C2 H3 O2 -1'
GOL non-polymer GLYCEROL 'C3 H8 O3'
MG non-polymer 'MAGNESIUM ION' 'Mg 2'
PE8 non-polymer 3,6,9,12,15,18,21-HEPTAOXATRICOSANE-1,23-DIOL 'C16 H34 O9'
PO4 non-polymer 'PHOSPHATE ION' 'O4 P -3'
SIN non-polymer 'SUCCINIC ACID' 'C4 H6 O4'
#
# COMPACT_ATOMS: atom_id res chain seq x y z
N HIS A 3 31.35 -27.34 -8.26
CA HIS A 3 30.39 -26.26 -8.44
C HIS A 3 31.00 -24.89 -8.10
N HIS A 4 32.04 -24.51 -8.86
CA HIS A 4 32.72 -23.23 -8.71
C HIS A 4 31.82 -22.06 -9.14
N HIS A 5 32.09 -20.88 -8.56
CA HIS A 5 31.46 -19.63 -8.95
C HIS A 5 32.42 -18.47 -8.73
N HIS A 6 32.16 -17.37 -9.42
CA HIS A 6 32.92 -16.14 -9.25
C HIS A 6 32.68 -15.56 -7.86
N HIS A 7 33.70 -14.87 -7.32
CA HIS A 7 33.55 -14.33 -5.97
C HIS A 7 32.47 -13.27 -5.87
N MET A 8 31.98 -12.73 -6.98
CA MET A 8 30.90 -11.76 -6.95
C MET A 8 29.54 -12.39 -7.14
N PHE A 9 29.47 -13.72 -7.26
CA PHE A 9 28.25 -14.39 -7.68
C PHE A 9 27.09 -14.06 -6.75
N ARG A 10 25.95 -13.72 -7.35
CA ARG A 10 24.73 -13.43 -6.60
C ARG A 10 23.55 -14.14 -7.24
N ILE A 11 22.49 -14.34 -6.48
CA ILE A 11 21.31 -15.06 -6.97
C ILE A 11 20.07 -14.22 -6.70
N VAL A 12 19.24 -14.05 -7.72
CA VAL A 12 17.93 -13.43 -7.62
C VAL A 12 16.94 -14.53 -7.25
N VAL A 13 16.26 -14.36 -6.11
CA VAL A 13 15.35 -15.39 -5.59
C VAL A 13 13.94 -14.87 -5.83
N GLY A 14 13.27 -15.38 -6.86
CA GLY A 14 11.93 -15.00 -7.19
C GLY A 14 11.86 -14.30 -8.53
N LEU A 15 11.06 -14.87 -9.42
CA LEU A 15 10.97 -14.42 -10.80
C LEU A 15 9.60 -13.78 -11.03
N GLY A 16 9.39 -12.65 -10.34
CA GLY A 16 8.24 -11.78 -10.55
C GLY A 16 8.71 -10.42 -11.07
N LYS A 17 7.93 -9.38 -10.83
CA LYS A 17 8.26 -8.06 -11.38
C LYS A 17 9.53 -7.50 -10.75
N SER A 18 9.70 -7.63 -9.42
CA SER A 18 10.92 -7.16 -8.77
CA SER A 18 10.93 -7.07 -8.89
C SER A 18 12.14 -7.94 -9.24
N GLY A 19 11.98 -9.27 -9.34
CA GLY A 19 13.06 -10.11 -9.81
C GLY A 19 13.56 -9.68 -11.18
N MET A 20 12.63 -9.37 -12.09
CA MET A 20 13.06 -8.94 -13.41
C MET A 20 13.80 -7.61 -13.36
N SER A 21 13.43 -6.71 -12.43
CA SER A 21 14.18 -5.46 -12.31
C SER A 21 15.59 -5.73 -11.80
N LEU A 22 15.76 -6.76 -10.98
CA LEU A 22 17.08 -7.14 -10.51
C LEU A 22 17.91 -7.76 -11.63
N VAL A 23 17.28 -8.61 -12.45
CA VAL A 23 17.95 -9.16 -13.64
C VAL A 23 18.46 -8.04 -14.52
N ARG A 24 17.60 -7.04 -14.79
CA ARG A 24 18.01 -5.91 -15.62
C ARG A 24 19.21 -5.21 -15.03
N TYR A 25 19.16 -4.96 -13.72
CA TYR A 25 20.19 -4.18 -13.06
C TYR A 25 21.52 -4.94 -13.05
N LEU A 26 21.49 -6.21 -12.67
CA LEU A 26 22.72 -6.99 -12.58
C LEU A 26 23.33 -7.22 -13.97
N ALA A 27 22.47 -7.50 -14.96
CA ALA A 27 22.93 -7.72 -16.32
C ALA A 27 23.60 -6.47 -16.88
N ARG A 28 23.00 -5.31 -16.66
CA ARG A 28 23.60 -4.06 -17.14
C ARG A 28 24.97 -3.83 -16.54
N ARG A 29 25.20 -4.26 -15.31
CA ARG A 29 26.53 -4.11 -14.72
C ARG A 29 27.45 -5.27 -15.05
N GLY A 30 27.02 -6.22 -15.86
CA GLY A 30 27.86 -7.33 -16.26
C GLY A 30 28.28 -8.22 -15.12
N LEU A 31 27.44 -8.33 -14.02
CA LEU A 31 27.80 -9.14 -12.87
C LEU A 31 27.35 -10.59 -13.04
N PRO A 32 28.06 -11.52 -12.42
CA PRO A 32 27.65 -12.93 -12.52
C PRO A 32 26.46 -13.21 -11.60
N PHE A 33 25.41 -13.79 -12.16
CA PHE A 33 24.24 -14.08 -11.33
C PHE A 33 23.39 -15.16 -11.99
N ALA A 34 22.48 -15.70 -11.19
CA ALA A 34 21.52 -16.70 -11.61
C ALA A 34 20.18 -16.36 -10.94
N VAL A 35 19.13 -17.00 -11.42
CA VAL A 35 17.78 -16.75 -10.95
C VAL A 35 17.21 -18.07 -10.47
N VAL A 36 16.51 -18.04 -9.33
CA VAL A 36 15.77 -19.20 -8.86
C VAL A 36 14.36 -18.77 -8.48
N ASP A 37 13.45 -19.75 -8.41
CA ASP A 37 12.09 -19.48 -7.98
C ASP A 37 11.52 -20.79 -7.42
N THR A 38 10.69 -20.68 -6.37
CA THR A 38 10.15 -21.90 -5.77
C THR A 38 9.13 -22.59 -6.67
N ARG A 39 8.58 -21.88 -7.64
CA ARG A 39 7.51 -22.39 -8.48
C ARG A 39 8.07 -22.97 -9.78
N GLU A 40 7.39 -23.98 -10.31
CA GLU A 40 7.83 -24.58 -11.57
C GLU A 40 7.64 -23.61 -12.73
N ASN A 41 6.65 -22.72 -12.65
CA ASN A 41 6.27 -21.84 -13.75
C ASN A 41 5.96 -20.46 -13.19
N PRO A 42 6.98 -19.74 -12.73
CA PRO A 42 6.75 -18.40 -12.16
C PRO A 42 6.28 -17.45 -13.25
N PRO A 43 5.63 -16.35 -12.85
CA PRO A 43 4.95 -15.50 -13.83
C PRO A 43 5.87 -14.83 -14.84
N GLU A 44 7.12 -14.55 -14.49
CA GLU A 44 8.04 -13.92 -15.43
C GLU A 44 9.03 -14.90 -16.05
N LEU A 45 8.78 -16.21 -15.93
CA LEU A 45 9.65 -17.19 -16.59
C LEU A 45 9.65 -16.98 -18.10
N ALA A 46 8.46 -16.84 -18.70
CA ALA A 46 8.40 -16.64 -20.15
C ALA A 46 9.17 -15.37 -20.53
N THR A 47 9.06 -14.33 -19.71
CA THR A 47 9.76 -13.08 -19.97
C THR A 47 11.27 -13.28 -19.92
N LEU A 48 11.75 -13.92 -18.86
CA LEU A 48 13.19 -14.15 -18.74
C LEU A 48 13.70 -15.00 -19.89
N ARG A 49 12.95 -16.04 -20.28
CA ARG A 49 13.41 -16.90 -21.37
C ARG A 49 13.46 -16.15 -22.69
N ALA A 50 12.57 -15.18 -22.87
CA ALA A 50 12.53 -14.46 -24.14
C ALA A 50 13.60 -13.37 -24.21
N GLN A 51 13.82 -12.67 -23.11
CA GLN A 51 14.69 -11.50 -23.07
C GLN A 51 16.10 -11.79 -22.61
N TYR A 52 16.29 -12.76 -21.72
CA TYR A 52 17.60 -13.12 -21.18
C TYR A 52 17.81 -14.63 -21.35
N PRO A 53 17.91 -15.12 -22.59
CA PRO A 53 18.01 -16.57 -22.79
C PRO A 53 19.29 -17.19 -22.26
N GLN A 54 20.28 -16.38 -21.90
CA GLN A 54 21.56 -16.87 -21.39
C GLN A 54 21.64 -16.91 -19.86
N VAL A 55 20.66 -16.37 -19.15
CA VAL A 55 20.73 -16.37 -17.70
C VAL A 55 20.31 -17.75 -17.17
N GLU A 56 21.13 -18.32 -16.28
CA GLU A 56 20.77 -19.57 -15.63
C GLU A 56 19.53 -19.35 -14.76
N VAL A 57 18.55 -20.23 -14.90
CA VAL A 57 17.35 -20.13 -14.08
C VAL A 57 17.00 -21.54 -13.60
N ARG A 58 16.65 -21.65 -12.32
CA ARG A 58 16.32 -22.92 -11.68
C ARG A 58 14.98 -22.77 -10.99
N CYS A 59 13.97 -23.50 -11.48
CA CYS A 59 12.61 -23.38 -10.97
C CYS A 59 12.23 -24.64 -10.22
N GLY A 60 11.68 -24.47 -9.01
CA GLY A 60 11.23 -25.58 -8.19
C GLY A 60 11.85 -25.51 -6.81
N GLU A 61 11.75 -26.61 -6.07
CA GLU A 61 12.30 -26.70 -4.73
C GLU A 61 13.68 -26.05 -4.65
N LEU A 62 13.83 -25.04 -3.80
CA LEU A 62 15.10 -24.34 -3.69
C LEU A 62 16.21 -25.25 -3.23
N ASP A 63 17.37 -25.12 -3.87
CA ASP A 63 18.55 -25.91 -3.55
C ASP A 63 19.42 -25.07 -2.62
N ALA A 64 19.37 -25.39 -1.32
CA ALA A 64 20.09 -24.57 -0.35
C ALA A 64 21.58 -24.54 -0.63
N GLU A 65 22.12 -25.63 -1.17
CA GLU A 65 23.56 -25.66 -1.45
C GLU A 65 23.91 -24.69 -2.56
N PHE A 66 23.01 -24.53 -3.54
CA PHE A 66 23.21 -23.53 -4.59
C PHE A 66 23.12 -22.11 -4.01
N LEU A 67 22.09 -21.83 -3.21
CA LEU A 67 21.96 -20.49 -2.62
C LEU A 67 23.18 -20.14 -1.77
N CYS A 68 23.73 -21.14 -1.08
CA CYS A 68 24.85 -20.89 -0.19
C CYS A 68 26.14 -20.57 -0.92
N SER A 69 26.15 -20.66 -2.25
CA SER A 69 27.33 -20.28 -3.02
C SER A 69 27.34 -18.81 -3.41
N ALA A 70 26.27 -18.08 -3.11
CA ALA A 70 26.17 -16.68 -3.49
C ALA A 70 26.65 -15.80 -2.35
N ARG A 71 27.16 -14.62 -2.71
CA ARG A 71 27.52 -13.63 -1.70
C ARG A 71 26.28 -12.96 -1.12
N GLU A 72 25.25 -12.78 -1.94
CA GLU A 72 24.00 -12.15 -1.55
C GLU A 72 22.87 -12.81 -2.32
N LEU A 73 21.72 -12.87 -1.70
CA LEU A 73 20.47 -13.27 -2.33
C LEU A 73 19.57 -12.03 -2.39
N TYR A 74 18.99 -11.77 -3.55
CA TYR A 74 18.01 -10.67 -3.67
C TYR A 74 16.63 -11.30 -3.72
N VAL A 75 15.90 -11.23 -2.59
CA VAL A 75 14.70 -12.04 -2.40
C VAL A 75 13.48 -11.22 -2.75
N SER A 76 12.60 -11.81 -3.57
CA SER A 76 11.28 -11.24 -3.84
C SER A 76 10.58 -10.90 -2.53
N PRO A 77 9.97 -9.72 -2.42
CA PRO A 77 9.31 -9.38 -1.14
C PRO A 77 8.14 -10.28 -0.80
N GLY A 78 7.48 -10.86 -1.82
CA GLY A 78 6.38 -11.77 -1.54
C GLY A 78 6.78 -13.15 -1.02
N LEU A 79 8.07 -13.48 -0.98
CA LEU A 79 8.54 -14.78 -0.52
C LEU A 79 9.01 -14.68 0.94
N SER A 80 8.36 -15.42 1.83
CA SER A 80 8.70 -15.32 3.25
C SER A 80 10.18 -15.64 3.50
N LEU A 81 10.81 -14.82 4.35
CA LEU A 81 12.20 -15.10 4.69
C LEU A 81 12.33 -16.30 5.62
N ARG A 82 11.22 -16.84 6.09
CA ARG A 82 11.28 -18.11 6.81
C ARG A 82 11.28 -19.32 5.88
N THR A 83 11.27 -19.12 4.56
CA THR A 83 11.48 -20.22 3.63
C THR A 83 12.76 -20.96 4.02
N PRO A 84 12.70 -22.28 4.24
CA PRO A 84 13.85 -22.97 4.85
C PRO A 84 15.21 -22.73 4.20
N ALA A 85 15.29 -22.82 2.87
CA ALA A 85 16.59 -22.61 2.22
C ALA A 85 17.12 -21.20 2.47
N LEU A 86 16.22 -20.22 2.64
CA LEU A 86 16.68 -18.86 2.94
C LEU A 86 17.18 -18.78 4.37
N VAL A 87 16.49 -19.47 5.30
CA VAL A 87 17.00 -19.52 6.67
C VAL A 87 18.37 -20.15 6.70
N GLN A 88 18.56 -21.23 5.93
CA GLN A 88 19.81 -21.95 5.94
C GLN A 88 20.93 -21.11 5.32
N ALA A 89 20.62 -20.37 4.25
CA ALA A 89 21.64 -19.51 3.66
C ALA A 89 22.03 -18.40 4.62
N ALA A 90 21.05 -17.83 5.30
CA ALA A 90 21.31 -16.74 6.25
C ALA A 90 22.24 -17.20 7.36
N ALA A 91 22.02 -18.41 7.85
CA ALA A 91 22.88 -18.93 8.91
C ALA A 91 24.29 -19.25 8.44
N LYS A 92 24.50 -19.45 7.15
CA LYS A 92 25.84 -19.64 6.63
C LYS A 92 26.47 -18.33 6.16
N GLY A 93 25.90 -17.20 6.57
CA GLY A 93 26.45 -15.89 6.30
C GLY A 93 26.17 -15.30 4.93
N VAL A 94 25.29 -15.91 4.14
CA VAL A 94 24.87 -15.26 2.89
C VAL A 94 23.99 -14.08 3.24
N ARG A 95 24.27 -12.93 2.65
CA ARG A 95 23.44 -11.77 2.96
C ARG A 95 22.09 -11.93 2.30
N ILE A 96 21.03 -11.71 3.08
CA ILE A 96 19.67 -11.75 2.58
C ILE A 96 19.29 -10.31 2.24
N SER A 97 19.17 -10.02 0.95
CA SER A 97 18.92 -8.66 0.46
C SER A 97 17.69 -8.69 -0.46
N GLY A 98 17.56 -7.65 -1.27
CA GLY A 98 16.38 -7.47 -2.10
C GLY A 98 16.54 -6.18 -2.89
N ASP A 99 15.53 -5.89 -3.71
CA ASP A 99 15.72 -4.79 -4.66
C ASP A 99 15.74 -3.44 -3.97
N ILE A 100 14.96 -3.25 -2.91
CA ILE A 100 14.97 -1.98 -2.19
C ILE A 100 16.29 -1.80 -1.44
N ASP A 101 16.77 -2.86 -0.77
CA ASP A 101 18.10 -2.82 -0.15
C ASP A 101 19.17 -2.41 -1.16
N LEU A 102 19.15 -3.03 -2.33
CA LEU A 102 20.14 -2.70 -3.35
C LEU A 102 19.94 -1.26 -3.84
N PHE A 103 18.68 -0.85 -4.07
CA PHE A 103 18.44 0.52 -4.47
C PHE A 103 19.02 1.50 -3.46
N ALA A 104 18.81 1.24 -2.17
CA ALA A 104 19.26 2.16 -1.13
C ALA A 104 20.77 2.28 -1.14
N ARG A 105 21.46 1.23 -1.55
CA ARG A 105 22.92 1.17 -1.58
C ARG A 105 23.47 1.86 -2.81
N GLU A 106 22.63 2.12 -3.80
CA GLU A 106 23.07 2.66 -5.07
C GLU A 106 22.58 4.08 -5.35
N ALA A 107 21.45 4.47 -4.78
CA ALA A 107 20.83 5.76 -5.14
C ALA A 107 21.74 6.93 -4.79
N LYS A 108 21.71 7.97 -5.63
CA LYS A 108 22.60 9.12 -5.45
C LYS A 108 21.84 10.41 -5.16
N ALA A 109 20.59 10.30 -4.76
CA ALA A 109 19.77 11.44 -4.43
C ALA A 109 18.94 11.10 -3.20
N PRO A 110 18.48 12.12 -2.46
CA PRO A 110 17.65 11.87 -1.27
C PRO A 110 16.41 11.05 -1.57
N ILE A 111 16.08 10.16 -0.63
CA ILE A 111 14.94 9.26 -0.70
C ILE A 111 13.89 9.72 0.31
N VAL A 112 12.68 9.92 -0.17
CA VAL A 112 11.48 10.01 0.67
C VAL A 112 10.92 8.61 0.75
N ALA A 113 10.90 8.01 1.94
CA ALA A 113 10.47 6.63 2.10
C ALA A 113 9.16 6.57 2.89
N ILE A 114 8.15 5.92 2.31
CA ILE A 114 6.78 5.96 2.84
C ILE A 114 6.24 4.54 2.99
N THR A 115 5.97 4.10 4.21
CA THR A 115 5.23 2.86 4.42
C THR A 115 3.98 3.12 5.29
N GLY A 116 3.29 2.06 5.66
CA GLY A 116 2.07 2.17 6.44
C GLY A 116 1.13 1.07 6.02
N SER A 117 0.19 0.74 6.90
CA SER A 117 -0.75 -0.34 6.58
C SER A 117 -1.77 0.10 5.54
N ASN A 118 -2.01 1.41 5.47
CA ASN A 118 -2.89 2.04 4.51
C ASN A 118 -2.31 3.39 4.17
N ALA A 119 -2.75 3.93 3.04
CA ALA A 119 -2.52 5.29 2.59
C ALA A 119 -1.17 5.47 1.95
N LYS A 120 -0.29 4.46 1.93
CA LYS A 120 1.06 4.74 1.44
C LYS A 120 1.09 4.97 -0.06
N SER A 121 0.18 4.37 -0.83
CA SER A 121 0.18 4.67 -2.26
C SER A 121 -0.33 6.09 -2.53
N THR A 122 -1.38 6.48 -1.82
CA THR A 122 -1.94 7.82 -2.02
C THR A 122 -0.91 8.89 -1.63
N VAL A 123 -0.27 8.73 -0.47
CA VAL A 123 0.68 9.75 -0.02
C VAL A 123 1.93 9.77 -0.90
N THR A 124 2.42 8.59 -1.30
CA THR A 124 3.54 8.52 -2.25
C THR A 124 3.21 9.25 -3.54
N THR A 125 2.02 8.97 -4.11
CA THR A 125 1.63 9.62 -5.36
C THR A 125 1.56 11.12 -5.17
N LEU A 126 0.94 11.54 -4.07
CA LEU A 126 0.80 12.97 -3.78
C LEU A 126 2.16 13.65 -3.63
N VAL A 127 3.07 13.06 -2.87
CA VAL A 127 4.37 13.71 -2.71
C VAL A 127 5.08 13.78 -4.05
N GLY A 128 4.96 12.73 -4.86
CA GLY A 128 5.51 12.79 -6.21
C GLY A 128 4.93 13.94 -7.02
N GLU A 129 3.61 14.16 -6.94
CA GLU A 129 3.01 15.25 -7.69
C GLU A 129 3.43 16.60 -7.13
N MET A 130 3.58 16.69 -5.81
CA MET A 130 4.13 17.91 -5.22
C MET A 130 5.54 18.19 -5.75
N ALA A 131 6.37 17.15 -5.85
CA ALA A 131 7.74 17.33 -6.33
C ALA A 131 7.75 17.79 -7.80
N VAL A 132 6.83 17.26 -8.62
CA VAL A 132 6.75 17.70 -10.00
C VAL A 132 6.32 19.16 -10.04
N ALA A 133 5.35 19.52 -9.19
CA ALA A 133 4.90 20.91 -9.15
C ALA A 133 5.99 21.84 -8.67
N ALA A 134 6.90 21.35 -7.84
CA ALA A 134 8.07 22.10 -7.39
C ALA A 134 9.21 22.10 -8.40
N ASP A 135 9.00 21.48 -9.56
CA ASP A 135 9.99 21.46 -10.63
C ASP A 135 11.25 20.71 -10.23
N LYS A 136 11.08 19.63 -9.48
CA LYS A 136 12.16 18.72 -9.15
C LYS A 136 12.22 17.60 -10.17
N ARG A 137 13.42 17.13 -10.48
CA ARG A 137 13.57 15.91 -11.28
C ARG A 137 13.35 14.73 -10.35
N VAL A 138 12.11 14.26 -10.27
CA VAL A 138 11.71 13.29 -9.27
C VAL A 138 11.42 11.96 -9.97
N ALA A 139 11.70 10.87 -9.24
CA ALA A 139 11.33 9.53 -9.69
C ALA A 139 10.53 8.86 -8.59
N VAL A 140 9.41 8.23 -8.95
CA VAL A 140 8.45 7.74 -7.98
C VAL A 140 8.19 6.25 -8.25
N GLY A 141 8.23 5.44 -7.19
CA GLY A 141 7.98 4.03 -7.43
C GLY A 141 8.14 3.19 -6.19
N GLY A 142 8.66 1.96 -6.35
CA GLY A 142 8.71 1.00 -5.26
C GLY A 142 7.52 0.05 -5.28
N ASN A 143 6.94 -0.23 -4.11
CA ASN A 143 5.77 -1.09 -4.01
C ASN A 143 4.61 -0.52 -4.82
N LEU A 144 4.60 0.79 -5.06
CA LEU A 144 3.55 1.45 -5.83
C LEU A 144 3.38 0.83 -7.21
N GLY A 145 4.46 0.33 -7.79
CA GLY A 145 4.42 -0.31 -9.07
C GLY A 145 5.74 -0.31 -9.84
N THR A 146 6.33 0.85 -10.11
CA THR A 146 7.59 0.86 -10.88
C THR A 146 8.72 0.38 -9.99
N PRO A 147 9.35 -0.73 -10.29
CA PRO A 147 10.42 -1.23 -9.40
C PRO A 147 11.49 -0.18 -9.21
N ALA A 148 11.96 -0.08 -7.96
CA ALA A 148 12.85 1.02 -7.60
C ALA A 148 14.13 1.04 -8.44
N LEU A 149 14.72 -0.13 -8.71
CA LEU A 149 15.97 -0.14 -9.48
C LEU A 149 15.78 0.45 -10.89
N ASP A 150 14.58 0.31 -11.47
CA ASP A 150 14.29 0.89 -12.77
C ASP A 150 14.18 2.41 -12.72
N LEU A 151 14.15 3.00 -11.54
CA LEU A 151 14.14 4.45 -11.39
C LEU A 151 15.52 5.09 -11.40
N LEU A 152 16.58 4.32 -11.17
CA LEU A 152 17.90 4.90 -10.96
C LEU A 152 18.38 5.67 -12.18
N ALA A 153 18.78 6.92 -11.94
CA ALA A 153 19.47 7.71 -12.95
C ALA A 153 20.22 8.81 -12.22
N ASP A 154 21.38 9.18 -12.76
CA ASP A 154 22.21 10.11 -12.01
C ASP A 154 21.61 11.51 -11.95
N ASP A 155 20.75 11.89 -12.89
CA ASP A 155 20.16 13.23 -12.88
C ASP A 155 18.94 13.36 -11.97
N ILE A 156 18.47 12.27 -11.35
CA ILE A 156 17.33 12.36 -10.46
C ILE A 156 17.74 13.13 -9.23
N GLU A 157 16.92 14.12 -8.85
CA GLU A 157 17.12 14.96 -7.68
C GLU A 157 16.42 14.45 -6.42
N LEU A 158 15.42 13.60 -6.57
CA LEU A 158 14.62 13.18 -5.43
C LEU A 158 13.93 11.89 -5.81
N TYR A 159 14.03 10.89 -4.95
CA TYR A 159 13.28 9.65 -5.13
C TYR A 159 12.17 9.59 -4.11
N VAL A 160 11.00 9.17 -4.53
CA VAL A 160 9.87 8.98 -3.62
C VAL A 160 9.45 7.52 -3.73
N LEU A 161 9.61 6.78 -2.65
CA LEU A 161 9.36 5.33 -2.67
C LEU A 161 8.24 4.97 -1.72
N GLU A 162 7.26 4.24 -2.24
CA GLU A 162 6.34 3.49 -1.40
C GLU A 162 6.99 2.16 -1.06
N LEU A 163 7.06 1.84 0.22
CA LEU A 163 7.70 0.60 0.65
C LEU A 163 6.75 -0.24 1.46
N SER A 164 6.79 -1.55 1.22
CA SER A 164 6.01 -2.49 2.03
C SER A 164 6.84 -2.99 3.21
N SER A 165 6.14 -3.43 4.25
CA SER A 165 6.82 -4.14 5.34
C SER A 165 7.65 -5.31 4.83
N PHE A 166 7.19 -6.00 3.77
CA PHE A 166 7.97 -7.11 3.24
C PHE A 166 9.30 -6.64 2.67
N GLN A 167 9.26 -5.59 1.84
CA GLN A 167 10.50 -5.07 1.27
C GLN A 167 11.45 -4.64 2.37
N LEU A 168 10.90 -4.03 3.41
CA LEU A 168 11.75 -3.50 4.48
C LEU A 168 12.45 -4.60 5.25
N GLU A 169 11.90 -5.82 5.26
CA GLU A 169 12.54 -6.90 6.01
C GLU A 169 13.95 -7.19 5.54
N THR A 170 14.26 -6.91 4.27
CA THR A 170 15.60 -7.16 3.76
C THR A 170 16.40 -5.89 3.55
N CYS A 171 15.89 -4.74 3.95
CA CYS A 171 16.61 -3.49 3.83
CA CYS A 171 16.58 -3.46 3.87
C CYS A 171 17.47 -3.30 5.07
N ASP A 172 18.79 -3.33 4.87
CA ASP A 172 19.68 -3.28 6.02
C ASP A 172 19.76 -1.90 6.62
N ARG A 173 19.92 -0.88 5.78
CA ARG A 173 20.07 0.50 6.25
C ARG A 173 19.60 1.41 5.12
N LEU A 174 18.31 1.72 5.13
CA LEU A 174 17.71 2.48 4.04
C LEU A 174 18.35 3.84 3.88
N ASN A 175 18.71 4.49 5.00
CA ASN A 175 19.33 5.82 4.95
C ASN A 175 18.48 6.82 4.15
N ALA A 176 17.16 6.81 4.39
CA ALA A 176 16.26 7.78 3.79
C ALA A 176 16.54 9.19 4.29
N GLU A 177 16.27 10.16 3.42
CA GLU A 177 16.33 11.56 3.83
C GLU A 177 15.18 11.87 4.77
N VAL A 178 13.98 11.41 4.44
CA VAL A 178 12.85 11.48 5.38
C VAL A 178 12.06 10.17 5.25
N ALA A 179 11.67 9.62 6.39
CA ALA A 179 10.94 8.35 6.41
C ALA A 179 9.69 8.49 7.26
N THR A 180 8.68 7.70 6.90
CA THR A 180 7.43 7.71 7.66
C THR A 180 6.79 6.33 7.63
N VAL A 181 6.22 5.96 8.77
CA VAL A 181 5.20 4.92 8.83
C VAL A 181 3.87 5.66 8.99
N LEU A 182 3.00 5.65 7.97
CA LEU A 182 1.82 6.53 8.06
C LEU A 182 0.86 6.09 9.16
N ASN A 183 0.72 4.79 9.35
CA ASN A 183 -0.24 4.22 10.28
C ASN A 183 0.08 2.74 10.33
N VAL A 184 -0.38 2.08 11.39
CA VAL A 184 -0.26 0.63 11.53
C VAL A 184 -1.58 0.08 12.02
N SER A 185 -2.14 -0.89 11.29
CA SER A 185 -3.27 -1.65 11.76
C SER A 185 -3.05 -3.09 11.31
N GLU A 186 -3.75 -4.01 11.94
CA GLU A 186 -3.51 -5.42 11.65
C GLU A 186 -3.56 -5.72 10.17
N ASP A 187 -2.48 -6.32 9.65
CA ASP A 187 -2.44 -6.77 8.26
C ASP A 187 -1.36 -7.82 8.16
N HIS A 188 -1.43 -8.62 7.09
CA HIS A 188 -0.34 -9.55 6.74
C HIS A 188 -0.07 -10.57 7.84
N MET A 189 -1.11 -10.98 8.57
CA MET A 189 -0.92 -11.95 9.64
C MET A 189 -0.86 -13.37 9.13
N ASP A 190 -0.84 -13.55 7.81
CA ASP A 190 -0.43 -14.82 7.25
C ASP A 190 1.09 -14.88 7.08
N ARG A 191 1.78 -13.77 7.27
CA ARG A 191 3.25 -13.74 7.21
C ARG A 191 3.87 -13.48 8.57
N TYR A 192 3.32 -12.58 9.37
CA TYR A 192 3.87 -12.24 10.68
C TYR A 192 3.18 -13.01 11.79
N ASP A 193 3.94 -13.29 12.86
CA ASP A 193 3.38 -14.01 14.00
C ASP A 193 2.42 -13.14 14.78
N GLY A 194 2.57 -11.84 14.69
CA GLY A 194 1.77 -10.93 15.50
C GLY A 194 2.14 -9.50 15.18
N MET A 195 1.54 -8.59 15.94
CA MET A 195 1.79 -7.18 15.69
C MET A 195 3.23 -6.77 15.95
N ALA A 196 3.91 -7.43 16.89
CA ALA A 196 5.26 -6.98 17.21
C ALA A 196 6.20 -7.14 16.03
N ASP A 197 6.19 -8.32 15.36
CA ASP A 197 7.10 -8.52 14.22
CA ASP A 197 7.15 -8.43 14.27
C ASP A 197 6.72 -7.65 13.04
N TYR A 198 5.42 -7.44 12.83
CA TYR A 198 4.94 -6.55 11.78
C TYR A 198 5.41 -5.11 12.01
N HIS A 199 5.26 -4.63 13.24
CA HIS A 199 5.71 -3.29 13.62
C HIS A 199 7.22 -3.15 13.44
N LEU A 200 7.97 -4.16 13.91
CA LEU A 200 9.44 -4.11 13.77
C LEU A 200 9.85 -4.04 12.31
N ALA A 201 9.18 -4.82 11.45
CA ALA A 201 9.54 -4.78 10.04
C ALA A 201 9.33 -3.36 9.49
N KCX A 202 8.19 -2.75 9.77
CA KCX A 202 7.97 -1.39 9.25
CB KCX A 202 6.55 -0.91 9.60
CG KCX A 202 5.46 -1.62 8.76
CD KCX A 202 4.17 -0.74 8.60
CE KCX A 202 3.12 -1.43 7.70
NZ KCX A 202 3.61 -1.54 6.30
C KCX A 202 9.01 -0.39 9.79
O KCX A 202 9.44 0.50 9.06
CX KCX A 202 2.92 -2.24 5.38
OQ1 KCX A 202 1.86 -2.84 5.69
OQ2 KCX A 202 3.37 -2.29 4.21
N HIS A 203 9.40 -0.54 11.05
CA HIS A 203 10.34 0.41 11.62
C HIS A 203 11.76 0.24 11.09
N ARG A 204 11.99 -0.77 10.25
CA ARG A 204 13.26 -0.77 9.54
C ARG A 204 13.37 0.40 8.57
N ILE A 205 12.24 1.07 8.24
CA ILE A 205 12.29 2.23 7.36
C ILE A 205 13.08 3.37 8.01
N PHE A 206 13.27 3.33 9.32
CA PHE A 206 13.96 4.41 10.02
C PHE A 206 15.45 4.19 10.15
N ARG A 207 15.96 3.05 9.72
CA ARG A 207 17.39 2.80 9.90
C ARG A 207 18.19 3.79 9.05
N GLY A 208 18.95 4.63 9.72
CA GLY A 208 19.70 5.66 9.03
C GLY A 208 18.89 6.86 8.57
N ALA A 209 17.63 6.97 8.93
CA ALA A 209 16.81 8.06 8.44
C ALA A 209 17.34 9.39 8.96
N ARG A 210 17.40 10.39 8.08
CA ARG A 210 17.91 11.70 8.48
CA ARG A 210 17.91 11.70 8.49
C ARG A 210 16.83 12.62 9.04
N GLN A 211 15.55 12.32 8.77
CA GLN A 211 14.40 13.05 9.27
C GLN A 211 13.27 12.06 9.35
N VAL A 212 12.26 12.33 10.21
CA VAL A 212 11.09 11.47 10.22
C VAL A 212 9.82 12.31 10.23
N VAL A 213 8.74 11.69 9.73
CA VAL A 213 7.39 12.24 9.77
C VAL A 213 6.54 11.26 10.57
N VAL A 214 5.87 11.76 11.61
CA VAL A 214 5.18 10.92 12.59
C VAL A 214 3.69 11.30 12.64
N ASN A 215 2.83 10.28 12.76
CA ASN A 215 1.38 10.45 12.90
C ASN A 215 1.08 10.63 14.38
N ARG A 216 0.64 11.83 14.78
CA ARG A 216 0.31 12.05 16.20
C ARG A 216 -0.80 11.14 16.69
N ALA A 217 -1.60 10.58 15.77
CA ALA A 217 -2.75 9.77 16.12
C ALA A 217 -2.47 8.29 16.12
N ASP A 218 -1.21 7.88 15.91
CA ASP A 218 -0.90 6.47 15.83
C ASP A 218 0.48 6.24 16.46
N ALA A 219 0.48 5.63 17.65
CA ALA A 219 1.72 5.47 18.40
C ALA A 219 2.67 4.49 17.74
N LEU A 220 2.16 3.58 16.91
CA LEU A 220 3.02 2.63 16.24
C LEU A 220 3.79 3.25 15.10
N THR A 221 3.63 4.56 14.88
CA THR A 221 4.43 5.28 13.90
C THR A 221 5.58 6.07 14.51
N ARG A 222 5.73 6.05 15.84
CA ARG A 222 6.69 6.92 16.51
C ARG A 222 8.01 6.17 16.66
N PRO A 223 9.06 6.59 15.98
CA PRO A 223 10.35 5.90 16.04
C PRO A 223 11.23 6.43 17.16
N LEU A 224 12.17 5.58 17.59
CA LEU A 224 13.13 6.03 18.59
C LEU A 224 13.90 7.26 18.13
N ILE A 225 14.24 7.34 16.84
CA ILE A 225 15.12 8.40 16.39
C ILE A 225 14.40 9.74 16.31
N ALA A 226 13.09 9.78 16.56
CA ALA A 226 12.39 11.06 16.60
C ALA A 226 12.96 12.02 17.63
N ASP A 227 13.73 11.53 18.59
CA ASP A 227 14.42 12.35 19.58
C ASP A 227 15.76 12.88 19.11
N THR A 228 16.34 12.31 18.04
CA THR A 228 17.67 12.68 17.62
C THR A 228 17.78 13.25 16.20
N VAL A 229 16.73 13.14 15.38
CA VAL A 229 16.73 13.74 14.04
C VAL A 229 15.51 14.65 13.96
N PRO A 230 15.46 15.57 12.98
CA PRO A 230 14.27 16.40 12.80
C PRO A 230 13.03 15.54 12.66
N CYS A 231 12.01 15.89 13.45
CA CYS A 231 10.78 15.14 13.53
C CYS A 231 9.63 16.08 13.20
N TRP A 232 8.91 15.77 12.14
CA TRP A 232 7.77 16.55 11.70
C TRP A 232 6.53 15.70 11.97
N SER A 233 5.52 16.27 12.62
CA SER A 233 4.36 15.43 12.87
C SER A 233 3.14 15.94 12.12
N PHE A 234 2.20 15.03 11.90
CA PHE A 234 0.91 15.40 11.32
C PHE A 234 -0.19 14.80 12.17
N GLY A 235 -1.36 15.39 12.07
CA GLY A 235 -2.53 14.97 12.85
C GLY A 235 -3.66 15.91 12.51
N LEU A 236 -4.83 15.59 13.03
CA LEU A 236 -6.02 16.39 12.72
C LEU A 236 -6.32 17.42 13.80
N ASN A 237 -5.59 17.41 14.91
CA ASN A 237 -5.80 18.43 15.92
C ASN A 237 -4.94 19.66 15.61
N LYS A 238 -5.08 20.67 16.45
CA LYS A 238 -4.38 21.94 16.25
C LYS A 238 -2.88 21.73 16.42
N PRO A 239 -2.06 22.14 15.45
CA PRO A 239 -0.63 21.79 15.53
C PRO A 239 0.17 22.75 16.39
N ASP A 240 1.25 22.21 16.93
CA ASP A 240 2.23 22.98 17.71
C ASP A 240 3.42 23.32 16.81
N PHE A 241 4.56 23.68 17.40
CA PHE A 241 5.73 23.99 16.59
C PHE A 241 6.17 22.75 15.82
N LYS A 242 6.63 22.94 14.58
CA LYS A 242 7.17 21.85 13.78
C LYS A 242 6.09 20.83 13.41
N ALA A 243 4.83 21.23 13.41
CA ALA A 243 3.76 20.26 13.29
C ALA A 243 2.75 20.72 12.25
N PHE A 244 2.13 19.74 11.62
CA PHE A 244 1.09 19.96 10.65
C PHE A 244 -0.24 19.51 11.25
N GLY A 245 -1.29 20.26 11.03
CA GLY A 245 -2.56 19.90 11.61
C GLY A 245 -3.69 20.71 11.02
N LEU A 246 -4.80 20.77 11.76
CA LEU A 246 -5.95 21.56 11.34
C LEU A 246 -6.14 22.73 12.28
N ILE A 247 -6.38 23.92 11.72
CA ILE A 247 -6.82 25.08 12.47
C ILE A 247 -8.29 25.27 12.14
N GLU A 248 -9.11 25.42 13.18
CA GLU A 248 -10.55 25.54 13.02
C GLU A 248 -11.00 26.88 13.56
N GLU A 249 -11.76 27.62 12.75
CA GLU A 249 -12.27 28.91 13.18
C GLU A 249 -13.70 29.05 12.69
N ASP A 250 -14.63 29.27 13.63
CA ASP A 250 -16.06 29.35 13.33
C ASP A 250 -16.49 28.14 12.50
N GLY A 251 -15.97 26.97 12.87
CA GLY A 251 -16.36 25.75 12.21
C GLY A 251 -15.73 25.52 10.86
N GLN A 252 -14.91 26.45 10.36
CA GLN A 252 -14.17 26.28 9.11
C GLN A 252 -12.77 25.74 9.42
N LYS A 253 -12.37 24.69 8.71
CA LYS A 253 -11.10 24.01 8.94
C LYS A 253 -10.07 24.37 7.88
N TRP A 254 -8.83 24.52 8.31
CA TRP A 254 -7.69 24.84 7.46
C TRP A 254 -6.59 23.81 7.69
N LEU A 255 -6.01 23.31 6.61
CA LEU A 255 -4.69 22.70 6.73
C LEU A 255 -3.72 23.75 7.24
N ALA A 256 -2.83 23.35 8.15
CA ALA A 256 -2.04 24.34 8.87
C ALA A 256 -0.66 23.78 9.17
N PHE A 257 0.32 24.68 9.21
CA PHE A 257 1.66 24.37 9.69
C PHE A 257 1.92 25.33 10.83
N GLN A 258 2.15 24.78 12.03
CA GLN A 258 2.27 25.60 13.23
C GLN A 258 1.08 26.56 13.33
N PHE A 259 1.30 27.87 13.41
CA PHE A 259 0.18 28.79 13.56
C PHE A 259 -0.27 29.39 12.24
N ASP A 260 0.22 28.89 11.13
CA ASP A 260 -0.07 29.44 9.81
C ASP A 260 -1.14 28.60 9.15
N LYS A 261 -2.26 29.24 8.81
CA LYS A 261 -3.25 28.60 7.97
C LYS A 261 -2.69 28.47 6.56
N LEU A 262 -2.79 27.26 6.00
CA LEU A 262 -2.24 27.04 4.67
C LEU A 262 -3.32 27.06 3.59
N LEU A 263 -4.43 26.40 3.85
CA LEU A 263 -5.45 26.15 2.83
C LEU A 263 -6.73 25.66 3.49
N PRO A 264 -7.90 26.21 3.14
CA PRO A 264 -9.14 25.66 3.66
C PRO A 264 -9.35 24.26 3.13
N VAL A 265 -9.83 23.35 3.98
CA VAL A 265 -9.95 21.96 3.54
C VAL A 265 -10.97 21.85 2.42
N GLY A 266 -11.90 22.81 2.35
CA GLY A 266 -12.87 22.82 1.27
C GLY A 266 -12.27 23.00 -0.10
N GLU A 267 -11.02 23.49 -0.19
CA GLU A 267 -10.36 23.69 -1.47
CA GLU A 267 -10.39 23.67 -1.49
C GLU A 267 -9.68 22.43 -1.99
N LEU A 268 -9.64 21.37 -1.19
CA LEU A 268 -9.19 20.07 -1.67
C LEU A 268 -10.30 19.41 -2.48
N LYS A 269 -9.91 18.57 -3.46
CA LYS A 269 -10.89 17.72 -4.14
C LYS A 269 -11.24 16.50 -3.31
N ILE A 270 -10.24 15.92 -2.65
CA ILE A 270 -10.43 14.76 -1.77
C ILE A 270 -11.11 15.24 -0.48
N ARG A 271 -11.85 14.35 0.17
CA ARG A 271 -12.69 14.75 1.29
C ARG A 271 -12.51 13.80 2.46
N GLY A 272 -12.86 14.29 3.63
CA GLY A 272 -12.93 13.45 4.81
C GLY A 272 -11.64 13.42 5.59
N ALA A 273 -11.76 12.98 6.85
CA ALA A 273 -10.66 13.08 7.80
C ALA A 273 -9.43 12.29 7.34
N HIS A 274 -9.62 11.10 6.76
CA HIS A 274 -8.44 10.34 6.35
C HIS A 274 -7.69 11.05 5.22
N ASN A 275 -8.43 11.69 4.32
CA ASN A 275 -7.75 12.42 3.24
C ASN A 275 -7.09 13.70 3.75
N TYR A 276 -7.67 14.37 4.75
CA TYR A 276 -6.99 15.52 5.35
C TYR A 276 -5.69 15.07 5.99
N SER A 277 -5.73 13.94 6.69
CA SER A 277 -4.52 13.41 7.30
C SER A 277 -3.46 13.11 6.23
N ASN A 278 -3.90 12.52 5.11
CA ASN A 278 -2.96 12.22 4.03
C ASN A 278 -2.34 13.48 3.46
N ALA A 279 -3.17 14.53 3.32
CA ALA A 279 -2.66 15.79 2.81
C ALA A 279 -1.61 16.37 3.73
N LEU A 280 -1.87 16.31 5.04
CA LEU A 280 -0.91 16.85 6.01
C LEU A 280 0.36 16.01 6.06
N ALA A 281 0.24 14.67 5.95
CA ALA A 281 1.44 13.83 5.88
C ALA A 281 2.29 14.16 4.66
N ALA A 282 1.63 14.35 3.51
CA ALA A 282 2.37 14.69 2.30
C ALA A 282 3.05 16.05 2.44
N LEU A 283 2.35 17.04 3.02
CA LEU A 283 2.96 18.35 3.26
C LEU A 283 4.20 18.23 4.15
N ALA A 284 4.12 17.41 5.19
CA ALA A 284 5.25 17.23 6.09
C ALA A 284 6.43 16.59 5.37
N LEU A 285 6.15 15.56 4.57
CA LEU A 285 7.21 14.91 3.82
C LEU A 285 7.83 15.84 2.82
N GLY A 286 7.00 16.60 2.10
CA GLY A 286 7.53 17.52 1.12
C GLY A 286 8.30 18.66 1.76
N HIS A 287 7.77 19.20 2.87
CA HIS A 287 8.49 20.28 3.56
C HIS A 287 9.87 19.80 4.03
N ALA A 288 9.96 18.53 4.45
CA ALA A 288 11.22 17.99 4.94
C ALA A 288 12.30 17.97 3.85
N VAL A 289 11.91 17.80 2.59
CA VAL A 289 12.88 17.76 1.48
C VAL A 289 12.86 19.06 0.67
N GLY A 290 12.28 20.13 1.22
CA GLY A 290 12.47 21.45 0.63
C GLY A 290 11.50 21.81 -0.47
N LEU A 291 10.37 21.12 -0.57
CA LEU A 291 9.41 21.53 -1.58
C LEU A 291 8.68 22.79 -1.10
N PRO A 292 8.55 23.81 -1.94
CA PRO A 292 7.92 25.05 -1.51
C PRO A 292 6.46 24.83 -1.19
N PHE A 293 5.96 25.56 -0.18
CA PHE A 293 4.56 25.41 0.20
C PHE A 293 3.63 25.72 -0.95
N ASP A 294 3.92 26.76 -1.73
CA ASP A 294 2.97 27.11 -2.78
C ASP A 294 2.90 26.01 -3.84
N ALA A 295 4.03 25.36 -4.14
CA ALA A 295 4.01 24.23 -5.06
C ALA A 295 3.25 23.05 -4.46
N MET A 296 3.49 22.75 -3.19
CA MET A 296 2.80 21.63 -2.56
C MET A 296 1.31 21.86 -2.53
N LEU A 297 0.90 23.07 -2.17
CA LEU A 297 -0.53 23.33 -2.08
C LEU A 297 -1.19 23.31 -3.46
N GLY A 298 -0.51 23.80 -4.49
CA GLY A 298 -1.07 23.68 -5.82
C GLY A 298 -1.31 22.22 -6.21
N ALA A 299 -0.34 21.36 -5.93
CA ALA A 299 -0.54 19.95 -6.24
C ALA A 299 -1.67 19.36 -5.41
N LEU A 300 -1.77 19.74 -4.13
CA LEU A 300 -2.86 19.25 -3.30
C LEU A 300 -4.22 19.64 -3.87
N LYS A 301 -4.36 20.88 -4.30
CA LYS A 301 -5.64 21.31 -4.88
C LYS A 301 -6.00 20.50 -6.11
N ALA A 302 -5.00 20.11 -6.89
CA ALA A 302 -5.25 19.40 -8.14
C ALA A 302 -5.47 17.90 -7.93
N PHE A 303 -5.06 17.37 -6.77
CA PHE A 303 -5.00 15.92 -6.58
C PHE A 303 -6.39 15.32 -6.55
N SER A 304 -6.62 14.29 -7.38
CA SER A 304 -7.95 13.73 -7.52
CA SER A 304 -7.94 13.71 -7.54
CA SER A 304 -7.95 13.72 -7.53
C SER A 304 -8.11 12.37 -6.85
N GLY A 305 -7.03 11.78 -6.35
CA GLY A 305 -7.13 10.48 -5.73
C GLY A 305 -6.84 9.39 -6.74
N LEU A 306 -6.66 8.18 -6.22
CA LEU A 306 -6.22 7.05 -7.00
CA LEU A 306 -6.22 7.05 -7.01
C LEU A 306 -7.40 6.18 -7.39
N ALA A 307 -7.22 5.44 -8.49
CA ALA A 307 -8.26 4.51 -8.90
C ALA A 307 -8.44 3.46 -7.81
N HIS A 308 -9.69 3.00 -7.65
CA HIS A 308 -10.06 1.96 -6.67
C HIS A 308 -9.95 2.44 -5.22
N ARG A 309 -9.91 3.75 -4.99
CA ARG A 309 -9.96 4.34 -3.64
C ARG A 309 -11.30 5.03 -3.52
N CYS A 310 -12.28 4.32 -2.94
CA CYS A 310 -13.67 4.76 -2.85
CA CYS A 310 -13.65 4.78 -2.84
C CYS A 310 -14.06 5.54 -4.10
N GLN A 311 -13.89 4.88 -5.23
CA GLN A 311 -14.01 5.57 -6.52
C GLN A 311 -15.42 5.39 -7.07
N TRP A 312 -16.10 6.50 -7.32
CA TRP A 312 -17.46 6.46 -7.87
C TRP A 312 -17.45 5.86 -9.28
N VAL A 313 -18.34 4.89 -9.53
CA VAL A 313 -18.43 4.18 -10.80
C VAL A 313 -19.68 4.57 -11.57
N ARG A 314 -20.82 4.59 -10.89
CA ARG A 314 -22.11 4.67 -11.54
C ARG A 314 -23.15 5.03 -10.49
N GLU A 315 -24.19 5.73 -10.90
CA GLU A 315 -25.40 5.80 -10.12
C GLU A 315 -26.54 5.30 -11.00
N ARG A 316 -27.29 4.32 -10.49
CA ARG A 316 -28.35 3.65 -11.25
C ARG A 316 -29.54 3.50 -10.32
N GLN A 317 -30.70 3.98 -10.77
CA GLN A 317 -31.93 3.94 -9.98
C GLN A 317 -31.71 4.56 -8.60
N GLY A 318 -30.94 5.64 -8.58
CA GLY A 318 -30.65 6.34 -7.33
C GLY A 318 -29.69 5.66 -6.39
N VAL A 319 -29.03 4.59 -6.84
CA VAL A 319 -28.06 3.85 -6.03
C VAL A 319 -26.69 4.12 -6.64
N SER A 320 -25.75 4.59 -5.82
CA SER A 320 -24.41 4.87 -6.31
CA SER A 320 -24.41 4.89 -6.29
C SER A 320 -23.50 3.69 -6.01
N TYR A 321 -22.52 3.47 -6.89
CA TYR A 321 -21.62 2.31 -6.80
C TYR A 321 -20.19 2.80 -6.63
N TYR A 322 -19.49 2.30 -5.62
CA TYR A 322 -18.12 2.76 -5.31
C TYR A 322 -17.16 1.58 -5.29
N ASP A 323 -16.07 1.73 -6.04
CA ASP A 323 -14.96 0.77 -6.09
C ASP A 323 -13.92 1.18 -5.06
N ASP A 324 -13.92 0.52 -3.91
CA ASP A 324 -12.84 0.64 -2.94
C ASP A 324 -12.03 -0.66 -2.85
N SER A 325 -11.70 -1.24 -4.00
CA SER A 325 -10.98 -2.51 -4.01
C SER A 325 -9.62 -2.43 -3.32
N LYS A 326 -9.04 -1.25 -3.20
CA LYS A 326 -7.76 -1.13 -2.50
CA LYS A 326 -7.78 -1.12 -2.50
C LYS A 326 -7.88 -1.53 -1.04
N ALA A 327 -9.09 -1.61 -0.48
CA ALA A 327 -9.26 -2.01 0.92
C ALA A 327 -8.99 -3.49 1.07
N THR A 328 -7.76 -3.83 1.43
CA THR A 328 -7.38 -5.21 1.61
C THR A 328 -7.15 -5.55 3.08
N ASN A 329 -7.49 -4.64 3.99
CA ASN A 329 -7.41 -4.97 5.41
C ASN A 329 -8.61 -4.32 6.08
N VAL A 330 -8.81 -4.67 7.36
CA VAL A 330 -10.01 -4.24 8.07
C VAL A 330 -9.98 -2.75 8.31
N GLY A 331 -8.81 -2.20 8.63
CA GLY A 331 -8.70 -0.78 8.85
C GLY A 331 -9.19 0.03 7.65
N ALA A 332 -8.85 -0.43 6.44
CA ALA A 332 -9.30 0.29 5.24
C ALA A 332 -10.80 0.19 5.06
N ALA A 333 -11.36 -1.00 5.23
CA ALA A 333 -12.81 -1.13 5.07
C ALA A 333 -13.55 -0.31 6.12
N LEU A 334 -13.06 -0.30 7.37
CA LEU A 334 -13.65 0.52 8.41
CA LEU A 334 -13.66 0.54 8.41
C LEU A 334 -13.74 1.98 7.97
N ALA A 335 -12.64 2.53 7.45
CA ALA A 335 -12.61 3.93 7.02
C ALA A 335 -13.62 4.19 5.92
N ALA A 336 -13.75 3.24 4.99
CA ALA A 336 -14.67 3.48 3.87
C ALA A 336 -16.11 3.36 4.31
N ILE A 337 -16.42 2.37 5.15
CA ILE A 337 -17.80 2.22 5.64
C ILE A 337 -18.21 3.47 6.41
N GLU A 338 -17.37 3.91 7.35
CA GLU A 338 -17.66 5.11 8.12
C GLU A 338 -17.73 6.35 7.24
N GLY A 339 -16.79 6.49 6.30
CA GLY A 339 -16.73 7.71 5.51
C GLY A 339 -17.86 7.81 4.51
N LEU A 340 -18.07 6.75 3.73
CA LEU A 340 -19.15 6.80 2.77
C LEU A 340 -20.50 6.67 3.46
N GLY A 341 -20.58 5.85 4.51
CA GLY A 341 -21.83 5.74 5.23
C GLY A 341 -22.32 7.06 5.78
N ALA A 342 -21.40 7.93 6.21
CA ALA A 342 -21.75 9.23 6.76
C ALA A 342 -22.07 10.27 5.69
N ASP A 343 -21.72 9.99 4.42
CA ASP A 343 -21.86 10.93 3.31
C ASP A 343 -23.18 10.78 2.58
N ILE A 344 -23.74 9.59 2.57
CA ILE A 344 -24.85 9.31 1.65
C ILE A 344 -26.18 9.55 2.32
N ASP A 345 -27.19 9.72 1.46
N ASP A 345 -27.23 9.69 1.50
CA ASP A 345 -28.61 9.84 1.84
CA ASP A 345 -28.56 9.86 2.04
C ASP A 345 -29.28 8.47 1.71
C ASP A 345 -29.08 8.56 2.66
N GLY A 346 -28.80 7.53 2.53
N GLY A 346 -28.72 7.41 2.10
CA GLY A 346 -29.24 6.15 2.44
CA GLY A 346 -29.30 6.15 2.51
C GLY A 346 -28.34 5.27 3.29
C GLY A 346 -28.34 5.26 3.29
N LYS A 347 -28.33 3.97 2.97
CA LYS A 347 -27.52 2.97 3.67
C LYS A 347 -26.57 2.31 2.70
N LEU A 348 -25.57 1.59 3.23
CA LEU A 348 -24.60 0.89 2.38
C LEU A 348 -25.02 -0.55 2.12
N VAL A 349 -24.73 -1.03 0.91
CA VAL A 349 -24.68 -2.47 0.64
C VAL A 349 -23.21 -2.77 0.41
N LEU A 350 -22.59 -3.43 1.38
CA LEU A 350 -21.16 -3.67 1.36
C LEU A 350 -20.87 -4.99 0.69
N LEU A 351 -19.84 -5.00 -0.16
CA LEU A 351 -19.32 -6.23 -0.78
C LEU A 351 -17.97 -6.49 -0.16
N ALA A 352 -17.81 -7.67 0.43
CA ALA A 352 -16.56 -7.94 1.11
C ALA A 352 -16.21 -9.41 1.03
N GLY A 353 -14.97 -9.72 1.45
CA GLY A 353 -14.45 -11.07 1.41
C GLY A 353 -13.26 -11.21 0.48
N GLY A 354 -12.73 -12.44 0.47
CA GLY A 354 -11.50 -12.77 -0.24
C GLY A 354 -10.54 -13.48 0.68
N ASP A 355 -9.24 -13.22 0.52
CA ASP A 355 -8.18 -13.79 1.35
C ASP A 355 -7.98 -12.89 2.54
N GLY A 356 -8.46 -13.32 3.71
CA GLY A 356 -8.45 -12.46 4.88
C GLY A 356 -7.13 -12.39 5.64
N LYS A 357 -6.15 -13.17 5.22
CA LYS A 357 -4.78 -13.09 5.76
C LYS A 357 -4.74 -13.26 7.27
N GLY A 358 -5.69 -14.04 7.80
CA GLY A 358 -5.73 -14.32 9.22
C GLY A 358 -6.19 -13.17 10.08
N ALA A 359 -6.80 -12.14 9.48
CA ALA A 359 -7.22 -10.96 10.20
C ALA A 359 -8.39 -11.25 11.15
N ASP A 360 -8.43 -10.47 12.24
CA ASP A 360 -9.62 -10.38 13.09
C ASP A 360 -10.61 -9.45 12.42
N PHE A 361 -11.84 -9.93 12.15
CA PHE A 361 -12.85 -9.10 11.51
C PHE A 361 -13.83 -8.47 12.50
N HIS A 362 -13.62 -8.65 13.81
CA HIS A 362 -14.60 -8.18 14.78
C HIS A 362 -14.88 -6.69 14.67
N ASP A 363 -13.87 -5.88 14.31
CA ASP A 363 -14.07 -4.43 14.25
C ASP A 363 -15.06 -4.02 13.17
N LEU A 364 -15.38 -4.90 12.21
CA LEU A 364 -16.35 -4.54 11.19
C LEU A 364 -17.79 -4.54 11.73
N ARG A 365 -18.06 -5.23 12.84
CA ARG A 365 -19.45 -5.51 13.18
C ARG A 365 -20.25 -4.23 13.49
N GLU A 366 -19.72 -3.38 14.36
CA GLU A 366 -20.49 -2.19 14.74
C GLU A 366 -20.68 -1.23 13.58
N PRO A 367 -19.65 -0.94 12.77
CA PRO A 367 -19.88 -0.06 11.61
C PRO A 367 -20.87 -0.66 10.63
N VAL A 368 -20.80 -1.96 10.41
CA VAL A 368 -21.79 -2.60 9.52
C VAL A 368 -23.19 -2.44 10.09
N ALA A 369 -23.35 -2.67 11.40
CA ALA A 369 -24.65 -2.50 12.01
C ALA A 369 -25.17 -1.07 11.91
N ARG A 370 -24.27 -0.09 11.95
CA ARG A 370 -24.69 1.32 11.91
C ARG A 370 -25.02 1.80 10.51
N PHE A 371 -24.30 1.31 9.50
CA PHE A 371 -24.36 1.90 8.17
C PHE A 371 -24.91 1.00 7.07
N CYS A 372 -24.95 -0.31 7.26
CA CYS A 372 -25.29 -1.20 6.16
C CYS A 372 -26.75 -1.63 6.19
N ARG A 373 -27.34 -1.70 5.00
CA ARG A 373 -28.61 -2.38 4.80
C ARG A 373 -28.41 -3.89 4.67
N ALA A 374 -27.28 -4.31 4.11
CA ALA A 374 -26.98 -5.70 3.86
C ALA A 374 -25.49 -5.80 3.53
N VAL A 375 -24.95 -7.01 3.63
CA VAL A 375 -23.57 -7.28 3.21
C VAL A 375 -23.61 -8.46 2.26
N VAL A 376 -22.89 -8.34 1.15
CA VAL A 376 -22.71 -9.43 0.20
C VAL A 376 -21.30 -9.94 0.35
N LEU A 377 -21.14 -11.25 0.59
CA LEU A 377 -19.83 -11.82 0.94
C LEU A 377 -19.41 -12.86 -0.08
N LEU A 378 -18.15 -12.79 -0.51
CA LEU A 378 -17.61 -13.77 -1.45
C LEU A 378 -16.22 -14.18 -0.99
N GLY A 379 -15.63 -15.12 -1.70
CA GLY A 379 -14.21 -15.37 -1.52
C GLY A 379 -13.95 -16.34 -0.39
N ARG A 380 -12.64 -16.65 -0.22
CA ARG A 380 -12.23 -17.76 0.61
CA ARG A 380 -12.23 -17.76 0.61
C ARG A 380 -12.74 -17.61 2.04
N ASP A 381 -12.63 -16.40 2.60
CA ASP A 381 -12.92 -16.21 4.01
C ASP A 381 -14.26 -15.51 4.26
N ALA A 382 -15.19 -15.59 3.30
CA ALA A 382 -16.54 -15.07 3.52
C ALA A 382 -17.15 -15.60 4.81
N GLY A 383 -16.93 -16.88 5.12
CA GLY A 383 -17.55 -17.45 6.30
C GLY A 383 -16.99 -16.86 7.60
N LEU A 384 -15.69 -16.56 7.62
CA LEU A 384 -15.09 -15.94 8.80
C LEU A 384 -15.65 -14.54 9.02
N ILE A 385 -15.86 -13.80 7.93
CA ILE A 385 -16.45 -12.47 8.05
C ILE A 385 -17.89 -12.58 8.52
N ALA A 386 -18.64 -13.54 7.98
CA ALA A 386 -20.03 -13.68 8.40
C ALA A 386 -20.10 -13.98 9.89
N GLN A 387 -19.20 -14.84 10.39
CA GLN A 387 -19.20 -15.16 11.82
CA GLN A 387 -19.20 -15.15 11.81
C GLN A 387 -18.95 -13.91 12.65
N ALA A 388 -18.02 -13.05 12.21
CA ALA A 388 -17.74 -11.84 12.95
C ALA A 388 -18.89 -10.86 12.94
N LEU A 389 -19.64 -10.80 11.83
CA LEU A 389 -20.73 -9.84 11.72
C LEU A 389 -21.97 -10.29 12.45
N GLY A 390 -22.13 -11.60 12.66
CA GLY A 390 -23.34 -12.10 13.28
C GLY A 390 -24.59 -11.74 12.50
N ASN A 391 -25.66 -11.49 13.25
CA ASN A 391 -26.95 -11.11 12.70
C ASN A 391 -27.16 -9.60 12.66
N ALA A 392 -26.08 -8.81 12.49
CA ALA A 392 -26.24 -7.37 12.47
C ALA A 392 -27.22 -6.95 11.37
N VAL A 393 -26.98 -7.45 10.16
CA VAL A 393 -27.76 -7.10 8.98
C VAL A 393 -27.87 -8.34 8.12
N PRO A 394 -28.81 -8.37 7.18
CA PRO A 394 -28.84 -9.52 6.25
C PRO A 394 -27.52 -9.71 5.50
N LEU A 395 -27.10 -10.97 5.42
CA LEU A 395 -25.88 -11.36 4.73
C LEU A 395 -26.26 -12.25 3.57
N VAL A 396 -25.70 -11.96 2.39
CA VAL A 396 -25.96 -12.74 1.20
C VAL A 396 -24.64 -13.32 0.72
N ARG A 397 -24.57 -14.65 0.61
CA ARG A 397 -23.33 -15.31 0.19
C ARG A 397 -23.38 -15.55 -1.32
N VAL A 398 -22.33 -15.15 -2.03
CA VAL A 398 -22.27 -15.36 -3.48
C VAL A 398 -20.92 -15.95 -3.85
N ALA A 399 -20.84 -16.44 -5.08
CA ALA A 399 -19.69 -17.18 -5.58
C ALA A 399 -18.72 -16.31 -6.35
N THR A 400 -19.24 -15.35 -7.09
CA THR A 400 -18.46 -14.56 -8.04
C THR A 400 -18.73 -13.10 -7.84
N LEU A 401 -17.81 -12.29 -8.35
CA LEU A 401 -17.97 -10.85 -8.23
C LEU A 401 -19.13 -10.34 -9.08
N ASP A 402 -19.35 -10.94 -10.26
CA ASP A 402 -20.47 -10.52 -11.09
C ASP A 402 -21.78 -10.79 -10.36
N GLU A 403 -21.91 -11.97 -9.76
CA GLU A 403 -23.10 -12.26 -8.97
C GLU A 403 -23.22 -11.29 -7.80
N ALA A 404 -22.11 -10.97 -7.13
CA ALA A 404 -22.16 -10.05 -6.00
C ALA A 404 -22.73 -8.70 -6.41
N VAL A 405 -22.32 -8.20 -7.58
CA VAL A 405 -22.85 -6.93 -8.08
C VAL A 405 -24.33 -7.03 -8.41
N ARG A 406 -24.73 -8.09 -9.13
CA ARG A 406 -26.14 -8.24 -9.47
CA ARG A 406 -26.14 -8.27 -9.46
C ARG A 406 -27.00 -8.31 -8.21
N GLN A 407 -26.54 -9.05 -7.19
CA GLN A 407 -27.32 -9.18 -5.96
CA GLN A 407 -27.33 -9.19 -5.97
C GLN A 407 -27.34 -7.88 -5.19
N ALA A 408 -26.20 -7.20 -5.13
CA ALA A 408 -26.15 -5.92 -4.43
C ALA A 408 -27.13 -4.93 -5.04
N ALA A 409 -27.25 -4.90 -6.38
CA ALA A 409 -28.21 -4.00 -7.00
C ALA A 409 -29.62 -4.29 -6.52
N GLU A 410 -29.93 -5.56 -6.28
CA GLU A 410 -31.28 -5.91 -5.86
C GLU A 410 -31.53 -5.56 -4.40
N LEU A 411 -30.48 -5.55 -3.59
CA LEU A 411 -30.61 -5.24 -2.17
C LEU A 411 -30.76 -3.75 -1.93
N ALA A 412 -30.23 -2.95 -2.84
CA ALA A 412 -30.15 -1.52 -2.60
C ALA A 412 -31.45 -0.82 -2.91
N ARG A 413 -31.69 0.27 -2.18
CA ARG A 413 -32.83 1.15 -2.38
C ARG A 413 -32.32 2.54 -2.77
N GLU A 414 -33.18 3.29 -3.44
CA GLU A 414 -32.86 4.66 -3.83
C GLU A 414 -32.21 5.44 -2.69
N GLY A 415 -31.05 6.03 -2.97
CA GLY A 415 -30.28 6.76 -1.98
C GLY A 415 -29.17 5.97 -1.34
N ASP A 416 -29.20 4.65 -1.48
CA ASP A 416 -28.13 3.78 -0.95
C ASP A 416 -26.87 3.89 -1.81
N ALA A 417 -25.79 3.30 -1.30
CA ALA A 417 -24.57 3.13 -2.07
C ALA A 417 -24.12 1.70 -1.96
N VAL A 418 -23.71 1.14 -3.07
CA VAL A 418 -23.08 -0.18 -3.11
C VAL A 418 -21.57 0.04 -3.05
N LEU A 419 -20.92 -0.57 -2.05
CA LEU A 419 -19.53 -0.30 -1.74
C LEU A 419 -18.73 -1.60 -1.79
N LEU A 420 -17.79 -1.70 -2.72
CA LEU A 420 -16.81 -2.79 -2.72
C LEU A 420 -15.63 -2.34 -1.86
N SER A 421 -15.56 -2.81 -0.62
CA SER A 421 -14.46 -2.44 0.29
C SER A 421 -14.16 -3.73 1.05
N PRO A 422 -13.35 -4.62 0.47
CA PRO A 422 -13.48 -6.06 0.82
C PRO A 422 -12.82 -6.48 2.11
N ALA A 423 -11.92 -5.67 2.68
CA ALA A 423 -11.16 -5.94 3.90
C ALA A 423 -10.22 -7.13 3.77
N CYS A 424 -9.94 -7.58 2.54
CA CYS A 424 -9.23 -8.82 2.26
C CYS A 424 -8.42 -8.63 1.00
N ALA A 425 -7.34 -9.42 0.90
CA ALA A 425 -6.59 -9.51 -0.34
CA ALA A 425 -6.59 -9.51 -0.34
C ALA A 425 -7.47 -10.15 -1.41
N SER A 426 -7.16 -9.84 -2.65
CA SER A 426 -7.93 -10.33 -3.78
C SER A 426 -7.40 -11.63 -4.33
N LEU A 427 -6.29 -12.14 -3.77
CA LEU A 427 -5.44 -13.12 -4.43
C LEU A 427 -6.05 -14.52 -4.48
N ASP A 428 -7.13 -14.77 -3.76
CA ASP A 428 -7.76 -16.08 -3.86
C ASP A 428 -8.52 -16.23 -5.16
N MET A 429 -8.96 -15.11 -5.75
CA MET A 429 -9.81 -15.14 -6.94
C MET A 429 -9.32 -14.24 -8.07
N PHE A 430 -8.42 -13.30 -7.82
CA PHE A 430 -8.04 -12.31 -8.81
C PHE A 430 -6.53 -12.18 -8.86
N LYS A 431 -6.05 -11.59 -9.95
CA LYS A 431 -4.62 -11.34 -10.09
C LYS A 431 -4.12 -10.35 -9.03
N ASN A 432 -4.89 -9.32 -8.75
CA ASN A 432 -4.54 -8.26 -7.82
C ASN A 432 -5.78 -7.41 -7.56
N PHE A 433 -5.66 -6.45 -6.65
CA PHE A 433 -6.85 -5.69 -6.27
C PHE A 433 -7.28 -4.74 -7.37
N GLU A 434 -6.38 -4.36 -8.28
CA GLU A 434 -6.81 -3.52 -9.40
CA GLU A 434 -6.81 -3.52 -9.40
C GLU A 434 -7.71 -4.30 -10.35
N GLU A 435 -7.34 -5.54 -10.65
CA GLU A 435 -8.22 -6.38 -11.47
C GLU A 435 -9.56 -6.58 -10.80
N ARG A 436 -9.56 -6.82 -9.48
CA ARG A 436 -10.80 -6.95 -8.74
C ARG A 436 -11.67 -5.72 -8.92
N GLY A 437 -11.07 -4.54 -8.79
CA GLY A 437 -11.83 -3.32 -8.95
C GLY A 437 -12.31 -3.12 -10.37
N ARG A 438 -11.45 -3.43 -11.34
CA ARG A 438 -11.86 -3.29 -12.76
C ARG A 438 -13.01 -4.22 -13.08
N LEU A 439 -12.99 -5.43 -12.50
CA LEU A 439 -14.07 -6.37 -12.82
C LEU A 439 -15.35 -6.01 -12.07
N PHE A 440 -15.22 -5.42 -10.89
CA PHE A 440 -16.38 -4.85 -10.21
C PHE A 440 -17.00 -3.75 -11.06
N ALA A 441 -16.17 -2.82 -11.54
CA ALA A 441 -16.69 -1.71 -12.34
C ALA A 441 -17.32 -2.23 -13.63
N LYS A 442 -16.72 -3.27 -14.23
CA LYS A 442 -17.32 -3.86 -15.44
C LYS A 442 -18.70 -4.45 -15.14
N ALA A 443 -18.83 -5.21 -14.05
CA ALA A 443 -20.14 -5.76 -13.69
C ALA A 443 -21.15 -4.65 -13.40
N VAL A 444 -20.72 -3.60 -12.71
CA VAL A 444 -21.61 -2.46 -12.44
C VAL A 444 -22.07 -1.84 -13.75
N GLU A 445 -21.15 -1.65 -14.68
CA GLU A 445 -21.52 -1.07 -15.96
C GLU A 445 -22.42 -1.97 -16.78
N GLU A 446 -22.40 -3.29 -16.53
CA GLU A 446 -23.25 -4.20 -17.27
C GLU A 446 -24.68 -4.28 -16.72
N LEU A 447 -24.95 -3.71 -15.55
CA LEU A 447 -26.32 -3.68 -15.03
C LEU A 447 -27.22 -2.91 -15.97
N ALA A 448 -28.43 -3.43 -16.22
CA ALA A 448 -29.26 -2.82 -17.26
C ALA A 448 -30.00 -1.59 -16.78
N1 UMA B . 6.63 -16.25 -5.01
C2 UMA B . 6.77 -17.62 -4.94
N3 UMA B . 8.05 -18.08 -5.11
C4 UMA B . 9.17 -17.32 -5.34
C5 UMA B . 8.95 -15.90 -5.39
C6 UMA B . 7.71 -15.42 -5.22
O2 UMA B . 5.83 -18.37 -4.69
O4 UMA B . 10.26 -17.87 -5.45
C1B UMA B . 5.30 -15.69 -4.79
C2B UMA B . 5.19 -14.92 -3.48
O2' UMA B . 5.04 -15.77 -2.36
C3B UMA B . 3.96 -14.05 -3.79
C4B UMA B . 4.06 -13.81 -5.31
O4B UMA B . 5.06 -14.73 -5.79
O3B UMA B . 2.77 -14.76 -3.47
C5B UMA B . 4.41 -12.42 -5.75
O5B UMA B . 5.54 -11.97 -4.97
PA UMA B . 6.79 -11.26 -5.62
O1A UMA B . 7.62 -10.63 -4.57
O2A UMA B . 7.48 -12.18 -6.59
O3A UMA B . 6.06 -10.15 -6.49
PB UMA B . 6.54 -9.08 -7.57
O1B UMA B . 5.87 -9.35 -8.88
O2B UMA B . 8.04 -8.99 -7.58
O1' UMA B . 5.92 -7.70 -7.01
C1' UMA B . 6.54 -7.08 -5.91
C2' UMA B . 5.43 -6.63 -4.96
N2' UMA B . 4.64 -7.78 -4.56
C7' UMA B . 4.67 -8.31 -3.33
O7' UMA B . 5.37 -7.86 -2.44
C8' UMA B . 3.80 -9.52 -3.12
C3' UMA B . 4.58 -5.59 -5.68
O3' UMA B . 3.67 -5.05 -4.71
C4' UMA B . 5.50 -4.42 -6.04
O4' UMA B . 4.77 -3.40 -6.71
C5' UMA B . 6.63 -4.92 -6.93
O5' UMA B . 7.35 -5.99 -6.29
C6' UMA B . 7.65 -3.82 -7.20
O6' UMA B . 8.31 -3.40 -5.99
C18 UMA B . 2.29 -5.40 -4.87
C19 UMA B . 1.75 -5.99 -3.57
O18 UMA B . 0.75 -6.69 -3.57
C20 UMA B . 1.53 -4.15 -5.24
N4 UMA B . 2.45 -5.69 -2.46
C21 UMA B . 2.02 -6.11 -1.13
C22 UMA B . 1.17 -5.04 -0.46
O19 UMA B . 1.07 -3.89 -0.87
O20 UMA B . 0.61 -5.49 0.65
C23 UMA B . 3.23 -6.38 -0.25
MG MG C . 0.25 -4.55 2.47
C1 GOL D . 23.07 9.15 -1.25
O1 GOL D . 23.63 10.37 -0.88
C2 GOL D . 21.73 9.10 -0.48
O2 GOL D . 21.94 8.76 0.87
C3 GOL D . 20.92 8.05 -1.25
O3 GOL D . 19.73 7.95 -0.60
C1 GOL E . 7.11 -12.87 7.26
O1 GOL E . 7.06 -11.56 6.73
C2 GOL E . 8.32 -13.00 8.16
O2 GOL E . 8.04 -13.81 9.27
C3 GOL E . 9.42 -13.60 7.26
O3 GOL E . 9.37 -12.94 6.01
P PO4 F . -3.83 3.81 -0.52
O1 PO4 F . -4.81 4.71 -1.22
O2 PO4 F . -3.55 2.52 -1.19
O3 PO4 F . -4.41 3.41 0.85
O4 PO4 F . -2.56 4.59 -0.33
O1 PE8 G . 27.28 -3.73 -3.83
C2 PE8 G . 26.15 -3.37 -4.62
C3 PE8 G . 25.70 -4.69 -5.17
O4 PE8 G . 26.71 -5.07 -6.12
C5 PE8 G . 26.74 -6.49 -6.34
C6 PE8 G . 28.05 -6.81 -7.05
O7 PE8 G . 29.09 -6.83 -6.06
C8 PE8 G . 30.43 -6.81 -6.63
C9 PE8 G . 31.40 -7.10 -5.50
O10 PE8 G . 31.09 -8.42 -5.02
C11 PE8 G . 32.05 -8.98 -4.09
C12 PE8 G . 32.00 -8.16 -2.81
O13 PE8 G . 30.77 -8.49 -2.10
C14 PE8 G . 30.68 -8.03 -0.75
C15 PE8 G . 29.31 -8.45 -0.22
O16 PE8 G . 28.51 -7.25 -0.11
C17 PE8 G . 27.46 -7.18 0.88
C18 PE8 G . 27.92 -7.89 2.13
O19 PE8 G . 27.63 -7.07 3.28
C20 PE8 G . 26.93 -7.71 4.37
C21 PE8 G . 27.09 -6.86 5.61
O22 PE8 G . 25.83 -6.60 6.25
C23 PE8 G . 24.63 -7.28 5.85
C24 PE8 G . 23.70 -7.30 7.05
O25 PE8 G . 22.85 -8.45 6.85
C1 SIN H . -3.87 -7.70 -3.61
O1 SIN H . -5.04 -7.95 -3.37
O2 SIN H . -3.61 -7.18 -4.74
C2 SIN H . -2.85 -8.04 -2.53
C3 SIN H . -2.48 -6.81 -1.70
C4 SIN H . -2.63 -6.94 -0.19
O3 SIN H . -2.83 -5.87 0.42
O4 SIN H . -2.56 -8.00 0.50
C ACT I . -10.16 -6.41 -16.61
O ACT I . -11.18 -6.18 -17.33
OXT ACT I . -9.45 -5.59 -15.99
CH3 ACT I . -9.69 -7.89 -16.47
#